data_8DDB
#
_entry.id   8DDB
#
_cell.length_a   76.228
_cell.length_b   76.228
_cell.length_c   121.608
_cell.angle_alpha   90.000
_cell.angle_beta   90.000
_cell.angle_gamma   120.000
#
_symmetry.space_group_name_H-M   'P 62 2 2'
#
loop_
_entity.id
_entity.type
_entity.pdbx_description
1 polymer 'Polymerase acidic protein'
2 non-polymer 'MANGANESE (II) ION'
3 non-polymer 'ACETATE ION'
4 non-polymer '6-bromo-3-hydroxy-4-oxo-1,4-dihydropyridine-2-carboxylic acid'
5 non-polymer 'SULFATE ION'
6 water water
#
_entity_poly.entity_id   1
_entity_poly.type   'polypeptide(L)'
_entity_poly.pdbx_seq_one_letter_code
;MGSGSAMEDFVRQCFNPMIVELAEKAMKEYGEDPKIETNKFAAICTHLEVCFMYSDFGSGDPNALLEHRFEIIEGRDRIM
AWTVVNSICNTTGVEKPKFLPDLYDYKENRFIEIGVTRREVHIYYLEKANKIKSEKTHIHIFSFTGEEMATKADYTLDEE
SRARIKTRLFTIRQEMASRSLWDSFRQSERE
;
_entity_poly.pdbx_strand_id   A
#
# COMPACT_ATOMS: atom_id res chain seq x y z
N SER A 5 1.66 2.84 -24.87
CA SER A 5 2.46 2.89 -23.65
C SER A 5 1.90 3.93 -22.69
N ALA A 6 2.52 5.11 -22.67
CA ALA A 6 2.04 6.24 -21.88
C ALA A 6 2.06 5.92 -20.38
N MET A 7 1.13 5.06 -19.93
CA MET A 7 1.12 4.68 -18.53
C MET A 7 2.44 4.04 -18.12
N GLU A 8 3.03 3.23 -19.00
CA GLU A 8 4.33 2.63 -18.69
C GLU A 8 5.40 3.71 -18.54
N ASP A 9 5.44 4.67 -19.46
CA ASP A 9 6.42 5.74 -19.37
C ASP A 9 6.22 6.58 -18.10
N PHE A 10 4.96 6.89 -17.78
CA PHE A 10 4.69 7.64 -16.56
C PHE A 10 5.17 6.87 -15.34
N VAL A 11 4.88 5.57 -15.29
CA VAL A 11 5.34 4.76 -14.16
C VAL A 11 6.86 4.78 -14.06
N ARG A 12 7.54 4.66 -15.19
CA ARG A 12 9.00 4.66 -15.17
C ARG A 12 9.57 6.03 -14.79
N GLN A 13 8.83 7.11 -15.04
CA GLN A 13 9.33 8.44 -14.75
C GLN A 13 9.00 8.92 -13.34
N CYS A 14 7.92 8.45 -12.74
CA CYS A 14 7.47 8.97 -11.45
C CYS A 14 7.85 8.10 -10.26
N PHE A 15 8.20 6.84 -10.48
CA PHE A 15 8.56 5.93 -9.39
C PHE A 15 10.03 5.54 -9.48
N ASN A 16 10.65 5.30 -8.32
CA ASN A 16 12.07 4.97 -8.32
C ASN A 16 12.28 3.59 -8.92
N PRO A 17 13.47 3.32 -9.46
CA PRO A 17 13.72 2.03 -10.12
C PRO A 17 13.45 0.82 -9.26
N MET A 18 13.81 0.88 -7.97
CA MET A 18 13.58 -0.26 -7.09
C MET A 18 12.10 -0.59 -6.98
N ILE A 19 11.26 0.43 -6.79
CA ILE A 19 9.82 0.20 -6.69
C ILE A 19 9.27 -0.39 -7.98
N VAL A 20 9.71 0.14 -9.13
CA VAL A 20 9.23 -0.37 -10.41
C VAL A 20 9.65 -1.83 -10.58
N GLU A 21 10.87 -2.17 -10.17
CA GLU A 21 11.32 -3.56 -10.28
C GLU A 21 10.51 -4.47 -9.37
N LEU A 22 10.21 -4.02 -8.16
CA LEU A 22 9.38 -4.83 -7.26
C LEU A 22 8.00 -5.05 -7.85
N ALA A 23 7.40 -4.00 -8.43
CA ALA A 23 6.08 -4.14 -9.02
C ALA A 23 6.12 -5.06 -10.23
N GLU A 24 7.16 -4.97 -11.04
CA GLU A 24 7.29 -5.88 -12.18
C GLU A 24 7.44 -7.32 -11.72
N LYS A 25 8.17 -7.54 -10.63
CA LYS A 25 8.27 -8.89 -10.07
C LYS A 25 6.91 -9.38 -9.60
N ALA A 26 6.16 -8.52 -8.90
CA ALA A 26 4.82 -8.90 -8.46
C ALA A 26 3.94 -9.31 -9.64
N MET A 27 3.96 -8.52 -10.71
CA MET A 27 3.09 -8.82 -11.85
C MET A 27 3.57 -10.05 -12.62
N LYS A 28 4.89 -10.24 -12.75
CA LYS A 28 5.40 -11.45 -13.40
C LYS A 28 5.07 -12.69 -12.59
N GLU A 29 4.98 -12.57 -11.26
CA GLU A 29 4.55 -13.69 -10.44
C GLU A 29 3.04 -13.92 -10.56
N TYR A 30 2.27 -12.85 -10.66
CA TYR A 30 0.82 -12.98 -10.86
C TYR A 30 0.47 -13.55 -12.22
N GLY A 31 1.39 -13.51 -13.19
CA GLY A 31 1.07 -13.87 -14.55
C GLY A 31 0.42 -12.76 -15.36
N GLU A 32 0.62 -11.51 -14.97
CA GLU A 32 0.02 -10.36 -15.63
C GLU A 32 1.13 -9.50 -16.23
N ASP A 33 0.88 -9.01 -17.44
CA ASP A 33 1.88 -8.20 -18.13
C ASP A 33 1.70 -6.73 -17.78
N PRO A 34 2.76 -6.03 -17.37
CA PRO A 34 2.60 -4.61 -17.01
C PRO A 34 2.39 -3.70 -18.20
N LYS A 35 2.74 -4.14 -19.42
CA LYS A 35 2.45 -3.35 -20.61
C LYS A 35 0.99 -3.47 -21.03
N ILE A 36 0.30 -4.51 -20.59
CA ILE A 36 -1.12 -4.69 -20.87
C ILE A 36 -1.98 -4.19 -19.71
N GLU A 37 -1.67 -4.64 -18.49
CA GLU A 37 -2.39 -4.23 -17.29
C GLU A 37 -1.71 -3.00 -16.69
N THR A 38 -1.74 -1.91 -17.46
CA THR A 38 -1.03 -0.71 -17.05
C THR A 38 -1.59 -0.14 -15.75
N ASN A 39 -2.91 -0.16 -15.58
CA ASN A 39 -3.52 0.41 -14.39
C ASN A 39 -3.12 -0.37 -13.14
N LYS A 40 -3.14 -1.70 -13.22
CA LYS A 40 -2.68 -2.51 -12.09
C LYS A 40 -1.21 -2.24 -11.79
N PHE A 41 -0.40 -2.08 -12.84
CA PHE A 41 1.00 -1.71 -12.68
C PHE A 41 1.14 -0.46 -11.83
N ALA A 42 0.43 0.60 -12.22
CA ALA A 42 0.52 1.86 -11.49
C ALA A 42 -0.01 1.72 -10.07
N ALA A 43 -1.09 0.97 -9.89
CA ALA A 43 -1.64 0.77 -8.55
C ALA A 43 -0.64 0.08 -7.64
N ILE A 44 0.01 -0.97 -8.14
CA ILE A 44 1.00 -1.68 -7.33
C ILE A 44 2.16 -0.76 -6.98
N CYS A 45 2.64 0.03 -7.95
CA CYS A 45 3.71 0.97 -7.65
C CYS A 45 3.31 1.96 -6.57
N THR A 46 2.10 2.51 -6.69
CA THR A 46 1.64 3.49 -5.71
C THR A 46 1.52 2.89 -4.32
N HIS A 47 0.96 1.68 -4.25
CA HIS A 47 0.80 1.01 -2.96
C HIS A 47 2.15 0.71 -2.33
N LEU A 48 3.10 0.21 -3.12
CA LEU A 48 4.45 -0.03 -2.62
C LEU A 48 5.06 1.26 -2.08
N GLU A 49 4.96 2.35 -2.84
CA GLU A 49 5.58 3.58 -2.39
C GLU A 49 4.94 4.10 -1.11
N VAL A 50 3.61 3.97 -0.99
CA VAL A 50 2.95 4.40 0.24
C VAL A 50 3.44 3.57 1.41
N CYS A 51 3.57 2.26 1.22
CA CYS A 51 4.06 1.40 2.29
C CYS A 51 5.47 1.81 2.71
N PHE A 52 6.35 2.03 1.74
CA PHE A 52 7.72 2.41 2.05
C PHE A 52 7.77 3.76 2.77
N MET A 53 6.94 4.71 2.33
CA MET A 53 6.87 6.00 3.00
C MET A 53 6.41 5.83 4.44
N TYR A 54 5.27 5.17 4.64
CA TYR A 54 4.78 4.85 5.97
C TYR A 54 5.89 4.30 6.85
N SER A 55 6.65 3.35 6.33
CA SER A 55 7.71 2.73 7.13
C SER A 55 8.81 3.73 7.45
N ASP A 56 9.32 4.44 6.44
CA ASP A 56 10.44 5.36 6.64
C ASP A 56 10.14 6.39 7.72
N PHE A 57 8.87 6.64 8.01
CA PHE A 57 8.48 7.66 8.97
C PHE A 57 8.45 7.09 10.38
N GLY A 58 9.53 6.42 10.77
CA GLY A 58 9.62 5.80 12.08
C GLY A 58 10.99 5.92 12.73
N GLU A 67 14.44 4.95 15.84
CA GLU A 67 14.43 3.79 16.71
C GLU A 67 13.87 2.58 15.98
N HIS A 68 13.57 2.75 14.69
CA HIS A 68 13.05 1.66 13.86
C HIS A 68 11.71 1.20 14.41
N ARG A 69 10.63 1.82 13.95
CA ARG A 69 9.29 1.54 14.48
C ARG A 69 8.55 0.49 13.66
N PHE A 70 8.69 0.49 12.34
CA PHE A 70 7.92 -0.37 11.48
C PHE A 70 8.80 -1.40 10.78
N GLU A 71 8.32 -2.64 10.76
CA GLU A 71 8.89 -3.68 9.92
C GLU A 71 8.07 -3.76 8.64
N ILE A 72 8.74 -3.62 7.50
CA ILE A 72 8.06 -3.71 6.20
C ILE A 72 7.88 -5.18 5.84
N ILE A 73 6.64 -5.56 5.57
CA ILE A 73 6.35 -6.90 5.07
C ILE A 73 6.04 -6.89 3.58
N GLU A 74 5.32 -5.86 3.12
CA GLU A 74 5.06 -5.69 1.70
C GLU A 74 6.37 -5.41 0.95
N GLY A 75 6.44 -5.86 -0.30
CA GLY A 75 7.64 -5.73 -1.08
C GLY A 75 8.57 -6.92 -1.04
N ARG A 76 8.35 -7.86 -0.11
CA ARG A 76 9.11 -9.09 -0.06
C ARG A 76 8.40 -10.18 -0.85
N ASP A 77 9.15 -11.19 -1.25
CA ASP A 77 8.53 -12.38 -1.81
C ASP A 77 7.81 -13.15 -0.70
N ARG A 78 6.79 -13.93 -1.10
CA ARG A 78 5.92 -14.56 -0.11
C ARG A 78 6.72 -15.27 0.98
N ILE A 79 7.76 -16.00 0.59
CA ILE A 79 8.51 -16.79 1.57
C ILE A 79 9.13 -15.89 2.62
N MET A 80 9.82 -14.83 2.19
CA MET A 80 10.46 -13.93 3.13
C MET A 80 9.42 -13.19 3.99
N ALA A 81 8.32 -12.76 3.37
CA ALA A 81 7.28 -12.05 4.11
C ALA A 81 6.72 -12.92 5.24
N TRP A 82 6.41 -14.18 4.93
CA TRP A 82 5.89 -15.06 5.97
C TRP A 82 6.96 -15.42 6.99
N THR A 83 8.22 -15.53 6.57
CA THR A 83 9.29 -15.70 7.54
C THR A 83 9.30 -14.57 8.55
N VAL A 84 9.19 -13.32 8.06
CA VAL A 84 9.21 -12.15 8.93
C VAL A 84 8.00 -12.17 9.86
N VAL A 85 6.82 -12.44 9.30
CA VAL A 85 5.60 -12.48 10.11
C VAL A 85 5.72 -13.54 11.20
N ASN A 86 6.26 -14.72 10.85
CA ASN A 86 6.37 -15.80 11.82
C ASN A 86 7.36 -15.45 12.92
N SER A 87 8.48 -14.82 12.56
CA SER A 87 9.43 -14.41 13.60
C SER A 87 8.80 -13.41 14.54
N ILE A 88 8.05 -12.44 14.00
CA ILE A 88 7.38 -11.46 14.86
C ILE A 88 6.41 -12.16 15.81
N CYS A 89 5.58 -13.06 15.27
CA CYS A 89 4.60 -13.73 16.11
C CYS A 89 5.27 -14.59 17.18
N ASN A 90 6.39 -15.23 16.84
CA ASN A 90 7.07 -16.10 17.81
C ASN A 90 7.74 -15.29 18.91
N THR A 91 8.20 -14.08 18.61
CA THR A 91 8.87 -13.26 19.60
C THR A 91 7.94 -12.28 20.32
N THR A 92 6.67 -12.18 19.92
CA THR A 92 5.73 -11.30 20.61
C THR A 92 4.46 -12.00 21.07
N GLY A 93 4.17 -13.21 20.60
CA GLY A 93 2.91 -13.84 20.85
C GLY A 93 1.75 -13.31 20.04
N VAL A 94 1.93 -12.18 19.34
CA VAL A 94 0.86 -11.65 18.51
C VAL A 94 0.35 -12.74 17.60
N GLU A 95 -0.96 -12.89 17.53
CA GLU A 95 -1.56 -13.94 16.73
C GLU A 95 -1.18 -13.78 15.26
N LYS A 96 -0.80 -14.88 14.64
CA LYS A 96 -0.41 -14.86 13.23
C LYS A 96 -1.61 -14.47 12.38
N PRO A 97 -1.47 -13.52 11.45
CA PRO A 97 -2.62 -13.11 10.63
C PRO A 97 -2.91 -14.12 9.54
N LYS A 98 -4.18 -14.15 9.11
CA LYS A 98 -4.59 -15.08 8.07
C LYS A 98 -4.03 -14.66 6.71
N PHE A 99 -4.05 -13.37 6.41
CA PHE A 99 -3.56 -12.83 5.16
C PHE A 99 -2.33 -11.97 5.40
N LEU A 100 -1.41 -11.98 4.45
CA LEU A 100 -0.16 -11.22 4.56
C LEU A 100 -0.45 -9.74 4.74
N PRO A 101 -0.03 -9.13 5.86
CA PRO A 101 -0.24 -7.70 6.03
C PRO A 101 0.86 -6.87 5.37
N ASP A 102 0.82 -5.55 5.57
CA ASP A 102 1.76 -4.64 4.94
C ASP A 102 2.91 -4.23 5.84
N LEU A 103 2.65 -3.96 7.11
CA LEU A 103 3.72 -3.60 8.04
C LEU A 103 3.43 -4.19 9.40
N TYR A 104 4.43 -4.15 10.26
CA TYR A 104 4.24 -4.40 11.69
C TYR A 104 4.73 -3.19 12.47
N ASP A 105 3.94 -2.80 13.47
CA ASP A 105 4.21 -1.65 14.32
C ASP A 105 4.73 -2.19 15.66
N TYR A 106 6.03 -2.00 15.89
CA TYR A 106 6.66 -2.43 17.13
C TYR A 106 6.26 -1.56 18.31
N LYS A 107 5.87 -0.31 18.06
CA LYS A 107 5.44 0.57 19.13
C LYS A 107 4.05 0.20 19.64
N GLU A 108 3.11 -0.02 18.72
CA GLU A 108 1.79 -0.49 19.09
C GLU A 108 1.69 -2.01 19.14
N ASN A 109 2.71 -2.71 18.67
CA ASN A 109 2.73 -4.18 18.66
C ASN A 109 1.51 -4.72 17.91
N ARG A 110 1.40 -4.34 16.63
CA ARG A 110 0.26 -4.79 15.85
C ARG A 110 0.58 -4.68 14.37
N PHE A 111 -0.02 -5.57 13.59
CA PHE A 111 0.15 -5.52 12.15
C PHE A 111 -0.73 -4.44 11.54
N ILE A 112 -0.29 -3.92 10.40
CA ILE A 112 -0.97 -2.83 9.70
C ILE A 112 -1.20 -3.25 8.26
N GLU A 113 -2.44 -3.11 7.81
CA GLU A 113 -2.84 -3.28 6.42
C GLU A 113 -3.05 -1.89 5.83
N ILE A 114 -2.31 -1.57 4.77
CA ILE A 114 -2.37 -0.27 4.12
C ILE A 114 -3.23 -0.37 2.88
N GLY A 115 -4.21 0.52 2.76
CA GLY A 115 -5.04 0.56 1.57
C GLY A 115 -4.97 1.88 0.83
N VAL A 116 -4.83 1.81 -0.50
CA VAL A 116 -4.88 2.99 -1.36
C VAL A 116 -6.00 2.77 -2.36
N THR A 117 -6.97 3.68 -2.38
CA THR A 117 -8.18 3.49 -3.15
C THR A 117 -8.48 4.74 -3.98
N ARG A 118 -9.01 4.51 -5.18
CA ARG A 118 -9.55 5.58 -6.00
C ARG A 118 -11.01 5.88 -5.70
N ARG A 119 -11.65 5.10 -4.82
CA ARG A 119 -13.02 5.33 -4.41
C ARG A 119 -13.04 6.00 -3.03
N GLU A 120 -14.23 6.11 -2.45
CA GLU A 120 -14.35 6.70 -1.12
C GLU A 120 -13.62 5.83 -0.09
N VAL A 121 -12.96 6.48 0.85
CA VAL A 121 -12.11 5.75 1.79
C VAL A 121 -12.94 4.78 2.64
N HIS A 122 -14.18 5.13 2.96
CA HIS A 122 -14.96 4.27 3.84
C HIS A 122 -15.47 3.02 3.11
N ILE A 123 -15.76 3.13 1.81
CA ILE A 123 -16.12 1.95 1.03
C ILE A 123 -14.98 0.95 1.03
N TYR A 124 -13.77 1.41 0.70
CA TYR A 124 -12.61 0.52 0.68
C TYR A 124 -12.25 0.03 2.07
N TYR A 125 -12.46 0.85 3.10
CA TYR A 125 -12.23 0.38 4.47
C TYR A 125 -13.14 -0.79 4.79
N LEU A 126 -14.44 -0.65 4.50
CA LEU A 126 -15.37 -1.76 4.72
C LEU A 126 -14.93 -2.99 3.93
N GLU A 127 -14.52 -2.79 2.69
CA GLU A 127 -14.08 -3.92 1.87
C GLU A 127 -12.89 -4.64 2.51
N LYS A 128 -11.88 -3.87 2.92
CA LYS A 128 -10.69 -4.46 3.52
C LYS A 128 -11.02 -5.16 4.82
N ALA A 129 -11.84 -4.53 5.67
CA ALA A 129 -12.18 -5.14 6.96
C ALA A 129 -12.95 -6.43 6.77
N ASN A 130 -13.91 -6.45 5.84
CA ASN A 130 -14.62 -7.67 5.54
C ASN A 130 -13.66 -8.74 5.01
N LYS A 131 -12.65 -8.33 4.25
CA LYS A 131 -11.71 -9.28 3.67
C LYS A 131 -10.85 -9.93 4.76
N ILE A 132 -10.16 -9.11 5.56
CA ILE A 132 -9.12 -9.63 6.45
C ILE A 132 -9.73 -10.38 7.63
N LYS A 133 -10.93 -10.02 8.07
CA LYS A 133 -11.67 -10.77 9.09
C LYS A 133 -10.82 -11.07 10.31
N SER A 134 -9.86 -10.20 10.62
CA SER A 134 -8.99 -10.33 11.78
C SER A 134 -9.07 -9.05 12.60
N GLU A 135 -9.57 -9.15 13.83
CA GLU A 135 -9.77 -7.97 14.65
C GLU A 135 -8.47 -7.31 15.07
N LYS A 136 -7.33 -8.00 14.94
CA LYS A 136 -6.07 -7.51 15.47
C LYS A 136 -5.22 -6.78 14.44
N THR A 137 -5.51 -6.91 13.14
CA THR A 137 -4.77 -6.20 12.13
C THR A 137 -5.33 -4.78 11.98
N HIS A 138 -4.49 -3.79 12.23
CA HIS A 138 -4.89 -2.40 12.05
C HIS A 138 -4.98 -2.06 10.56
N ILE A 139 -5.93 -1.22 10.21
CA ILE A 139 -6.22 -0.89 8.82
C ILE A 139 -6.13 0.62 8.63
N HIS A 140 -5.35 1.04 7.63
CA HIS A 140 -5.21 2.46 7.27
C HIS A 140 -5.42 2.59 5.77
N ILE A 141 -6.44 3.37 5.39
CA ILE A 141 -6.81 3.59 4.00
C ILE A 141 -6.48 5.03 3.64
N PHE A 142 -5.83 5.23 2.50
CA PHE A 142 -5.59 6.54 1.92
C PHE A 142 -6.29 6.64 0.57
N SER A 143 -6.74 7.83 0.23
CA SER A 143 -7.30 8.11 -1.09
C SER A 143 -6.40 9.07 -1.85
N PHE A 144 -6.76 9.33 -3.10
CA PHE A 144 -6.06 10.31 -3.92
C PHE A 144 -6.62 11.72 -3.76
N THR A 145 -7.45 11.94 -2.73
CA THR A 145 -8.06 13.23 -2.49
C THR A 145 -7.68 13.80 -1.13
N GLY A 146 -6.69 13.23 -0.46
CA GLY A 146 -6.30 13.71 0.84
C GLY A 146 -7.16 13.23 1.98
N GLU A 147 -7.92 12.16 1.79
CA GLU A 147 -8.74 11.59 2.84
C GLU A 147 -8.13 10.28 3.32
N GLU A 148 -8.43 9.93 4.57
CA GLU A 148 -7.91 8.71 5.17
C GLU A 148 -8.95 8.15 6.13
N MET A 149 -8.84 6.85 6.37
CA MET A 149 -9.69 6.19 7.36
C MET A 149 -8.90 5.06 8.01
N ALA A 150 -8.88 5.03 9.34
CA ALA A 150 -8.09 4.05 10.06
C ALA A 150 -8.94 3.43 11.15
N THR A 151 -8.58 2.20 11.52
CA THR A 151 -9.28 1.49 12.57
C THR A 151 -9.36 2.33 13.84
N LYS A 152 -10.56 2.47 14.38
CA LYS A 152 -10.81 3.25 15.59
C LYS A 152 -10.39 4.71 15.44
N ALA A 153 -10.27 5.18 14.20
CA ALA A 153 -9.77 6.53 13.93
C ALA A 153 -8.37 6.74 14.54
N ASP A 154 -7.61 5.65 14.69
CA ASP A 154 -6.24 5.71 15.19
C ASP A 154 -5.33 5.67 13.96
N TYR A 155 -4.71 6.81 13.66
CA TYR A 155 -3.96 6.98 12.43
C TYR A 155 -2.46 6.72 12.60
N THR A 156 -2.02 6.35 13.79
CA THR A 156 -0.66 5.86 14.01
C THR A 156 0.39 6.94 13.81
N LEU A 157 0.49 7.49 12.60
CA LEU A 157 1.52 8.46 12.27
C LEU A 157 1.12 9.85 12.77
N ASP A 158 2.11 10.73 12.84
CA ASP A 158 1.85 12.12 13.16
C ASP A 158 1.34 12.86 11.93
N GLU A 159 0.86 14.09 12.15
CA GLU A 159 0.18 14.82 11.09
C GLU A 159 1.10 15.02 9.88
N GLU A 160 2.37 15.33 10.11
CA GLU A 160 3.27 15.67 9.01
C GLU A 160 3.50 14.48 8.08
N SER A 161 3.69 13.28 8.63
CA SER A 161 3.94 12.11 7.81
C SER A 161 2.70 11.75 6.98
N ARG A 162 1.53 11.76 7.61
CA ARG A 162 0.31 11.49 6.87
C ARG A 162 0.09 12.54 5.79
N ALA A 163 0.42 13.80 6.08
CA ALA A 163 0.27 14.84 5.08
C ALA A 163 1.21 14.62 3.90
N ARG A 164 2.43 14.15 4.18
CA ARG A 164 3.36 13.86 3.08
C ARG A 164 2.85 12.72 2.21
N ILE A 165 2.28 11.68 2.83
CA ILE A 165 1.67 10.60 2.04
C ILE A 165 0.51 11.13 1.21
N LYS A 166 -0.36 11.93 1.82
CA LYS A 166 -1.50 12.49 1.10
C LYS A 166 -1.03 13.33 -0.09
N THR A 167 0.00 14.16 0.13
CA THR A 167 0.52 14.99 -0.95
C THR A 167 1.07 14.16 -2.07
N ARG A 168 1.83 13.10 -1.74
CA ARG A 168 2.37 12.26 -2.79
C ARG A 168 1.24 11.61 -3.60
N LEU A 169 0.21 11.12 -2.93
CA LEU A 169 -0.89 10.48 -3.65
C LEU A 169 -1.59 11.47 -4.57
N PHE A 170 -1.92 12.66 -4.04
CA PHE A 170 -2.55 13.68 -4.85
C PHE A 170 -1.68 14.07 -6.04
N THR A 171 -0.37 14.13 -5.84
CA THR A 171 0.54 14.48 -6.91
C THR A 171 0.59 13.40 -7.98
N ILE A 172 0.59 12.13 -7.58
CA ILE A 172 0.49 11.05 -8.55
C ILE A 172 -0.80 11.19 -9.36
N ARG A 173 -1.91 11.48 -8.68
CA ARG A 173 -3.18 11.62 -9.39
C ARG A 173 -3.11 12.76 -10.40
N GLN A 174 -2.53 13.89 -9.99
CA GLN A 174 -2.45 15.04 -10.89
C GLN A 174 -1.49 14.79 -12.05
N GLU A 175 -0.41 14.05 -11.80
CA GLU A 175 0.48 13.67 -12.90
C GLU A 175 -0.26 12.81 -13.91
N MET A 176 -1.03 11.83 -13.43
CA MET A 176 -1.85 11.04 -14.34
C MET A 176 -2.85 11.91 -15.10
N ALA A 177 -3.49 12.85 -14.40
CA ALA A 177 -4.48 13.69 -15.04
C ALA A 177 -3.87 14.55 -16.14
N SER A 178 -2.69 15.12 -15.89
CA SER A 178 -2.03 15.92 -16.91
C SER A 178 -1.64 15.08 -18.12
N ARG A 179 -1.47 13.77 -17.96
CA ARG A 179 -1.16 12.87 -19.07
C ARG A 179 -2.39 12.20 -19.64
N SER A 180 -3.59 12.53 -19.15
CA SER A 180 -4.84 11.95 -19.63
C SER A 180 -5.01 10.50 -19.20
N LEU A 181 -4.37 10.08 -18.10
CA LEU A 181 -4.43 8.71 -17.64
C LEU A 181 -5.30 8.52 -16.41
N TRP A 182 -5.80 9.59 -15.80
CA TRP A 182 -6.50 9.47 -14.52
C TRP A 182 -7.85 8.81 -14.68
N ASP A 183 -8.60 9.15 -15.74
CA ASP A 183 -9.95 8.60 -15.89
C ASP A 183 -9.91 7.08 -15.91
N SER A 184 -9.08 6.50 -16.78
CA SER A 184 -8.96 5.06 -16.87
C SER A 184 -8.54 4.45 -15.53
N PHE A 185 -7.55 5.06 -14.88
CA PHE A 185 -7.08 4.54 -13.59
C PHE A 185 -8.19 4.52 -12.56
N ARG A 186 -8.90 5.64 -12.41
CA ARG A 186 -9.96 5.73 -11.42
C ARG A 186 -11.06 4.72 -11.69
N GLN A 187 -11.41 4.52 -12.96
CA GLN A 187 -12.45 3.54 -13.26
C GLN A 187 -11.93 2.11 -13.27
N SER A 188 -10.62 1.90 -13.16
CA SER A 188 -10.02 0.59 -13.36
C SER A 188 -10.06 -0.30 -12.11
N GLU A 189 -10.55 0.21 -10.97
CA GLU A 189 -10.66 -0.55 -9.73
C GLU A 189 -9.67 -1.70 -9.59
N ARG A 190 -8.40 -1.45 -9.90
CA ARG A 190 -7.34 -2.44 -9.68
C ARG A 190 -6.79 -2.36 -8.26
N GLU A 191 -7.69 -2.27 -7.29
CA GLU A 191 -7.31 -2.07 -5.89
C GLU A 191 -8.34 -2.66 -4.93
#